data_7N5W
#
_entry.id   7N5W
#
_cell.length_a   74.157
_cell.length_b   103.429
_cell.length_c   83.080
_cell.angle_alpha   90.000
_cell.angle_beta   90.000
_cell.angle_gamma   90.000
#
_symmetry.space_group_name_H-M   'C 2 2 21'
#
loop_
_entity.id
_entity.type
_entity.pdbx_description
1 polymer 'Zinc finger and BTB domain-containing protein 7A'
2 polymer 'DNA Strand I'
3 polymer 'DNA Strand II'
4 non-polymer 1,2-ETHANEDIOL
5 non-polymer 'ZINC ION'
6 water water
#
loop_
_entity_poly.entity_id
_entity_poly.type
_entity_poly.pdbx_seq_one_letter_code
_entity_poly.pdbx_strand_id
1 'polypeptide(L)'
;GPLGSAFQKCPICEKVIQGAGKLPRHIRTHTGEKPYECNICKVRFTRQDKLKVHMRKHTGEKPYLCQQCGAAFAHNYDLK
NHMRVHTGLRPYQCDSCCKTFVRSDHLHRHLKKDGCNGVPSRRGRKLERPHRD
;
A
2 'polydeoxyribonucleotide' (DC)(DA)(DA)(DA)(DC)(DA)(DT)(DG)(DA)(DA)(DG)(DG)(DG)(DT)(DC)(DC) X
3 'polydeoxyribonucleotide' (DG)(DG)(DG)(DA)(DC)(DC)(DC)(DT)(DT)(DC)(DA)(DT)(DG)(DT)(DT)(DT) Y
#
loop_
_chem_comp.id
_chem_comp.type
_chem_comp.name
_chem_comp.formula
DA DNA linking 2'-DEOXYADENOSINE-5'-MONOPHOSPHATE 'C10 H14 N5 O6 P'
DC DNA linking 2'-DEOXYCYTIDINE-5'-MONOPHOSPHATE 'C9 H14 N3 O7 P'
DG DNA linking 2'-DEOXYGUANOSINE-5'-MONOPHOSPHATE 'C10 H14 N5 O7 P'
DT DNA linking THYMIDINE-5'-MONOPHOSPHATE 'C10 H15 N2 O8 P'
EDO non-polymer 1,2-ETHANEDIOL 'C2 H6 O2'
ZN non-polymer 'ZINC ION' 'Zn 2'
#
# COMPACT_ATOMS: atom_id res chain seq x y z
N LEU A 3 9.84 -14.81 -20.43
CA LEU A 3 9.65 -14.54 -21.86
C LEU A 3 8.16 -14.40 -22.16
N GLY A 4 7.34 -15.18 -21.47
CA GLY A 4 5.90 -15.06 -21.63
C GLY A 4 5.38 -13.80 -21.00
N SER A 5 4.23 -13.32 -21.50
CA SER A 5 3.65 -12.10 -21.00
C SER A 5 3.19 -12.22 -19.55
N ALA A 6 3.11 -13.43 -19.02
CA ALA A 6 2.75 -13.63 -17.62
C ALA A 6 3.95 -13.57 -16.67
N PHE A 7 5.17 -13.46 -17.18
CA PHE A 7 6.36 -13.53 -16.36
C PHE A 7 7.30 -12.38 -16.70
N GLN A 8 8.12 -12.01 -15.72
CA GLN A 8 9.13 -10.98 -15.90
C GLN A 8 10.42 -11.46 -15.25
N LYS A 9 11.55 -10.93 -15.74
CA LYS A 9 12.85 -11.21 -15.17
C LYS A 9 13.31 -10.01 -14.36
N CYS A 10 13.70 -10.25 -13.12
CA CYS A 10 14.17 -9.16 -12.27
C CYS A 10 15.50 -8.65 -12.78
N PRO A 11 15.64 -7.35 -13.08
CA PRO A 11 16.93 -6.86 -13.59
C PRO A 11 18.05 -6.95 -12.58
N ILE A 12 17.74 -7.01 -11.29
CA ILE A 12 18.77 -7.00 -10.25
C ILE A 12 19.31 -8.40 -9.99
N CYS A 13 18.42 -9.40 -9.91
CA CYS A 13 18.81 -10.73 -9.46
C CYS A 13 18.46 -11.83 -10.46
N GLU A 14 17.85 -11.49 -11.59
CA GLU A 14 17.51 -12.38 -12.69
C GLU A 14 16.52 -13.47 -12.31
N LYS A 15 15.88 -13.38 -11.15
CA LYS A 15 14.81 -14.30 -10.83
C LYS A 15 13.57 -13.98 -11.67
N VAL A 16 12.83 -15.02 -12.00
CA VAL A 16 11.58 -14.86 -12.73
C VAL A 16 10.44 -14.62 -11.74
N ILE A 17 9.58 -13.67 -12.08
CA ILE A 17 8.50 -13.20 -11.23
C ILE A 17 7.22 -13.30 -12.04
N GLN A 18 6.16 -13.83 -11.42
CA GLN A 18 4.87 -13.95 -12.09
C GLN A 18 4.02 -12.70 -11.93
N GLY A 19 3.32 -12.33 -13.00
CA GLY A 19 2.37 -11.25 -12.93
C GLY A 19 2.82 -10.03 -13.71
N ALA A 20 1.94 -9.53 -14.59
CA ALA A 20 2.31 -8.43 -15.47
C ALA A 20 2.74 -7.20 -14.68
N GLY A 21 1.96 -6.82 -13.68
CA GLY A 21 2.34 -5.66 -12.90
C GLY A 21 3.15 -5.93 -11.65
N LYS A 22 3.62 -7.15 -11.43
CA LYS A 22 4.12 -7.55 -10.12
C LYS A 22 5.63 -7.42 -9.99
N LEU A 23 6.31 -6.82 -10.97
CA LEU A 23 7.76 -6.64 -10.85
C LEU A 23 8.13 -5.52 -9.86
N PRO A 24 7.45 -4.36 -9.87
CA PRO A 24 7.82 -3.32 -8.91
C PRO A 24 7.78 -3.76 -7.45
N ARG A 25 6.77 -4.51 -7.02
CA ARG A 25 6.77 -4.96 -5.64
C ARG A 25 7.97 -5.87 -5.36
N HIS A 26 8.49 -6.59 -6.36
CA HIS A 26 9.69 -7.39 -6.12
C HIS A 26 10.93 -6.52 -6.01
N ILE A 27 11.07 -5.52 -6.88
CA ILE A 27 12.24 -4.67 -6.86
C ILE A 27 12.36 -3.94 -5.52
N ARG A 28 11.23 -3.53 -4.93
CA ARG A 28 11.28 -2.85 -3.65
C ARG A 28 11.80 -3.74 -2.53
N THR A 29 11.73 -5.06 -2.70
CA THR A 29 12.36 -5.94 -1.71
C THR A 29 13.88 -5.91 -1.80
N HIS A 30 14.44 -5.47 -2.94
CA HIS A 30 15.88 -5.21 -2.99
C HIS A 30 16.23 -3.86 -2.39
N THR A 31 15.52 -2.81 -2.80
CA THR A 31 15.90 -1.45 -2.44
C THR A 31 15.40 -1.05 -1.07
N GLY A 32 14.40 -1.73 -0.53
CA GLY A 32 13.85 -1.34 0.74
C GLY A 32 12.79 -0.25 0.68
N GLU A 33 12.39 0.15 -0.53
CA GLU A 33 11.40 1.21 -0.67
C GLU A 33 10.10 0.80 0.00
N LYS A 34 9.60 1.64 0.90
CA LYS A 34 8.34 1.39 1.60
C LYS A 34 7.47 2.63 1.40
N PRO A 35 6.75 2.68 0.27
CA PRO A 35 6.01 3.90 -0.09
C PRO A 35 4.61 4.00 0.48
N TYR A 36 4.11 3.01 1.21
CA TYR A 36 2.79 3.07 1.81
C TYR A 36 2.92 3.25 3.33
N GLU A 37 2.27 4.27 3.85
CA GLU A 37 2.41 4.66 5.25
C GLU A 37 1.04 4.61 5.92
N CYS A 38 1.00 4.01 7.10
CA CYS A 38 -0.21 4.06 7.92
C CYS A 38 -0.44 5.48 8.40
N ASN A 39 -1.64 6.02 8.15
CA ASN A 39 -1.87 7.41 8.55
C ASN A 39 -1.97 7.59 10.05
N ILE A 40 -2.03 6.51 10.82
CA ILE A 40 -2.25 6.59 12.25
C ILE A 40 -0.95 6.41 13.04
N CYS A 41 -0.22 5.32 12.80
CA CYS A 41 1.03 5.08 13.51
C CYS A 41 2.27 5.30 12.66
N LYS A 42 2.10 5.68 11.40
CA LYS A 42 3.17 6.10 10.48
C LYS A 42 4.10 4.97 10.07
N VAL A 43 3.79 3.72 10.43
CA VAL A 43 4.58 2.60 9.97
C VAL A 43 4.47 2.48 8.45
N ARG A 44 5.56 2.11 7.80
CA ARG A 44 5.61 2.06 6.35
C ARG A 44 5.65 0.62 5.86
N PHE A 45 5.18 0.42 4.63
CA PHE A 45 5.06 -0.91 4.05
C PHE A 45 5.50 -0.89 2.61
N THR A 46 6.02 -2.02 2.16
CA THR A 46 6.48 -2.15 0.79
C THR A 46 5.34 -2.32 -0.20
N ARG A 47 4.15 -2.74 0.28
CA ARG A 47 3.02 -3.09 -0.56
C ARG A 47 1.71 -2.57 0.02
N GLN A 48 0.81 -2.12 -0.86
CA GLN A 48 -0.54 -1.77 -0.46
C GLN A 48 -1.25 -2.96 0.15
N ASP A 49 -0.89 -4.15 -0.32
CA ASP A 49 -1.25 -5.46 0.19
C ASP A 49 -1.28 -5.49 1.71
N LYS A 50 -0.12 -5.24 2.30
CA LYS A 50 0.08 -5.41 3.73
C LYS A 50 -0.32 -4.19 4.53
N LEU A 51 -0.32 -3.01 3.92
CA LEU A 51 -0.88 -1.86 4.61
C LEU A 51 -2.36 -2.06 4.88
N LYS A 52 -3.09 -2.63 3.91
CA LYS A 52 -4.52 -2.85 4.10
C LYS A 52 -4.77 -3.78 5.27
N VAL A 53 -3.98 -4.85 5.38
CA VAL A 53 -4.11 -5.77 6.50
C VAL A 53 -3.73 -5.07 7.81
N HIS A 54 -2.66 -4.27 7.79
CA HIS A 54 -2.25 -3.56 8.99
C HIS A 54 -3.39 -2.67 9.50
N MET A 55 -4.11 -2.01 8.60
CA MET A 55 -5.16 -1.09 9.02
C MET A 55 -6.25 -1.78 9.83
N ARG A 56 -6.37 -3.11 9.73
CA ARG A 56 -7.36 -3.80 10.57
C ARG A 56 -7.07 -3.59 12.04
N LYS A 57 -5.81 -3.33 12.41
CA LYS A 57 -5.49 -3.02 13.79
C LYS A 57 -6.17 -1.75 14.27
N HIS A 58 -6.51 -0.84 13.37
CA HIS A 58 -7.00 0.49 13.72
C HIS A 58 -8.48 0.69 13.46
N THR A 59 -9.08 -0.06 12.54
CA THR A 59 -10.44 0.25 12.09
C THR A 59 -11.49 -0.08 13.13
N GLY A 60 -11.13 -0.76 14.21
CA GLY A 60 -12.07 -0.93 15.31
C GLY A 60 -12.41 0.39 15.98
N GLU A 61 -11.42 1.25 16.15
CA GLU A 61 -11.64 2.58 16.71
C GLU A 61 -11.79 3.65 15.64
N LYS A 62 -11.30 3.41 14.42
CA LYS A 62 -11.34 4.39 13.33
C LYS A 62 -11.96 3.75 12.10
N PRO A 63 -13.30 3.65 12.06
CA PRO A 63 -13.96 2.92 10.98
C PRO A 63 -14.17 3.71 9.70
N TYR A 64 -13.92 5.01 9.67
CA TYR A 64 -14.17 5.79 8.47
C TYR A 64 -12.93 5.77 7.58
N LEU A 65 -13.06 5.19 6.39
CA LEU A 65 -11.94 4.87 5.52
C LEU A 65 -11.99 5.68 4.23
N CYS A 66 -10.83 6.21 3.83
CA CYS A 66 -10.72 6.83 2.52
C CYS A 66 -10.73 5.76 1.45
N GLN A 67 -11.52 5.97 0.40
CA GLN A 67 -11.59 4.99 -0.68
C GLN A 67 -10.40 5.06 -1.62
N GLN A 68 -9.62 6.15 -1.59
CA GLN A 68 -8.48 6.27 -2.49
C GLN A 68 -7.19 5.72 -1.89
N CYS A 69 -6.92 5.97 -0.61
CA CYS A 69 -5.66 5.56 0.01
C CYS A 69 -5.83 4.68 1.25
N GLY A 70 -7.05 4.48 1.75
CA GLY A 70 -7.25 3.64 2.91
C GLY A 70 -7.02 4.29 4.25
N ALA A 71 -6.77 5.59 4.29
CA ALA A 71 -6.62 6.30 5.55
C ALA A 71 -7.87 6.14 6.42
N ALA A 72 -7.65 5.93 7.72
CA ALA A 72 -8.72 5.64 8.66
C ALA A 72 -8.91 6.80 9.64
N PHE A 73 -10.18 7.07 9.97
CA PHE A 73 -10.51 8.22 10.82
C PHE A 73 -11.58 7.84 11.82
N ALA A 74 -11.52 8.50 12.98
CA ALA A 74 -12.49 8.28 14.04
C ALA A 74 -13.82 8.97 13.76
N HIS A 75 -13.81 10.05 12.98
CA HIS A 75 -15.01 10.84 12.74
C HIS A 75 -15.17 11.09 11.25
N ASN A 76 -16.42 11.11 10.81
CA ASN A 76 -16.65 11.31 9.39
C ASN A 76 -16.20 12.68 8.92
N TYR A 77 -16.28 13.71 9.78
CA TYR A 77 -15.78 15.02 9.40
C TYR A 77 -14.27 15.06 9.25
N ASP A 78 -13.54 14.17 9.94
CA ASP A 78 -12.11 14.04 9.67
C ASP A 78 -11.87 13.43 8.30
N LEU A 79 -12.62 12.39 7.95
CA LEU A 79 -12.49 11.78 6.63
C LEU A 79 -12.84 12.76 5.53
N LYS A 80 -13.90 13.55 5.74
CA LYS A 80 -14.29 14.54 4.75
C LYS A 80 -13.20 15.58 4.54
N ASN A 81 -12.53 16.00 5.62
CA ASN A 81 -11.41 16.93 5.47
C ASN A 81 -10.25 16.27 4.74
N HIS A 82 -10.00 15.00 5.02
CA HIS A 82 -8.96 14.28 4.29
C HIS A 82 -9.24 14.27 2.78
N MET A 83 -10.51 14.07 2.41
CA MET A 83 -10.85 13.94 0.99
C MET A 83 -10.50 15.16 0.18
N ARG A 84 -10.37 16.33 0.82
CA ARG A 84 -9.91 17.52 0.11
C ARG A 84 -8.52 17.31 -0.47
N VAL A 85 -7.69 16.51 0.20
CA VAL A 85 -6.31 16.30 -0.25
C VAL A 85 -6.26 15.56 -1.58
N HIS A 86 -7.28 14.75 -1.87
CA HIS A 86 -7.25 13.97 -3.11
C HIS A 86 -7.73 14.76 -4.31
N THR A 87 -8.83 15.50 -4.16
CA THR A 87 -9.38 16.26 -5.29
C THR A 87 -9.05 17.74 -5.17
C1 EDO D . 4.36 8.23 -0.10
O1 EDO D . 5.42 7.28 0.13
C2 EDO D . 3.50 8.36 1.14
O2 EDO D . 4.29 8.87 2.22
ZN ZN E . -0.87 1.76 11.88
ZN ZN F . 15.27 -9.44 -7.81
ZN ZN G . -7.13 9.29 1.17
C1 EDO H . -2.59 -19.74 -4.81
O1 EDO H . -1.67 -18.78 -4.27
C2 EDO H . -4.05 -19.35 -4.56
O2 EDO H . -4.54 -18.47 -5.60
C1 EDO I . 0.68 -21.29 -4.88
O1 EDO I . 1.47 -22.13 -5.74
C2 EDO I . 1.58 -20.66 -3.82
O2 EDO I . 2.28 -21.69 -3.12
C1 EDO J . 8.42 -16.36 -0.56
O1 EDO J . 7.46 -16.88 -1.50
C2 EDO J . 8.09 -16.81 0.86
O2 EDO J . 7.93 -18.25 0.92
#